data_1F84
#
_entry.id   1F84
#
_cell.length_a   1.000
_cell.length_b   1.000
_cell.length_c   1.000
_cell.angle_alpha   90.00
_cell.angle_beta   90.00
_cell.angle_gamma   90.00
#
_symmetry.space_group_name_H-M   'P 1'
#
_entity_poly.entity_id   1
_entity_poly.type   'polyribonucleotide'
_entity_poly.pdbx_seq_one_letter_code
;GGCCGAGUAGUGUUGGGUCGCGAAAGGCC
;
_entity_poly.pdbx_strand_id   A
#